data_1Q5H
#
_entry.id   1Q5H
#
_cell.length_a   73.197
_cell.length_b   110.766
_cell.length_c   53.243
_cell.angle_alpha   90.00
_cell.angle_beta   90.00
_cell.angle_gamma   90.00
#
_symmetry.space_group_name_H-M   'P 21 21 2'
#
loop_
_entity.id
_entity.type
_entity.pdbx_description
1 polymer 'dUTP pyrophosphatase'
2 non-polymer 'MAGNESIUM ION'
3 non-polymer "DEOXYURIDINE-5'-DIPHOSPHATE"
4 water water
#
_entity_poly.entity_id   1
_entity_poly.type   'polypeptide(L)'
_entity_poly.pdbx_seq_one_letter_code
;HHHHHHMQLRFARLSEHATAPTRGSARAAGYDLYSAYDYTIPPMEKAVVKTDIQIALPSGCYGRVAPRSGLAAKHFIDVG
AGVIDEDYRGNVGVVLFNFGKEKFEVKKGDRIAQLICERIFYPEIEEVQALDDTERGSGGFGSTGKN
;
_entity_poly.pdbx_strand_id   A,B,C
#
# COMPACT_ATOMS: atom_id res chain seq x y z
N MET A 7 19.48 7.83 5.35
CA MET A 7 19.04 9.26 5.47
C MET A 7 19.29 10.07 4.19
N GLN A 8 19.76 9.39 3.14
CA GLN A 8 20.00 10.04 1.85
C GLN A 8 19.39 9.28 0.68
N LEU A 9 18.56 9.99 -0.09
CA LEU A 9 17.97 9.45 -1.30
C LEU A 9 18.64 10.12 -2.51
N ARG A 10 19.32 9.30 -3.31
CA ARG A 10 20.04 9.77 -4.49
C ARG A 10 19.25 9.46 -5.76
N PHE A 11 19.26 10.39 -6.71
CA PHE A 11 18.60 10.18 -7.99
C PHE A 11 19.41 10.76 -9.15
N ALA A 12 19.17 10.24 -10.35
CA ALA A 12 19.75 10.78 -11.58
C ALA A 12 18.68 10.84 -12.66
N ARG A 13 18.80 11.83 -13.54
CA ARG A 13 17.88 12.02 -14.66
C ARG A 13 18.30 11.19 -15.86
N LEU A 14 17.34 10.49 -16.46
CA LEU A 14 17.63 9.66 -17.64
C LEU A 14 17.37 10.37 -18.96
N SER A 15 16.78 11.56 -18.88
CA SER A 15 16.50 12.40 -20.05
C SER A 15 16.27 13.85 -19.65
N GLU A 16 16.12 14.71 -20.66
CA GLU A 16 15.83 16.14 -20.47
C GLU A 16 14.40 16.39 -19.95
N HIS A 17 13.55 15.36 -20.00
CA HIS A 17 12.14 15.54 -19.70
C HIS A 17 11.78 15.32 -18.22
N ALA A 18 12.75 14.80 -17.45
CA ALA A 18 12.52 14.48 -16.05
C ALA A 18 12.47 15.73 -15.15
N THR A 19 11.71 15.61 -14.06
CA THR A 19 11.62 16.64 -13.04
C THR A 19 12.12 16.08 -11.70
N ALA A 20 12.97 16.83 -11.02
CA ALA A 20 13.45 16.45 -9.69
C ALA A 20 12.26 16.27 -8.72
N PRO A 21 12.23 15.17 -7.97
CA PRO A 21 11.22 14.99 -6.91
C PRO A 21 11.26 16.11 -5.86
N THR A 22 10.07 16.52 -5.38
CA THR A 22 9.95 17.56 -4.36
C THR A 22 9.17 17.03 -3.15
N ARG A 23 9.30 17.72 -2.02
CA ARG A 23 8.55 17.38 -0.81
C ARG A 23 7.50 18.47 -0.55
N GLY A 24 6.24 18.06 -0.41
CA GLY A 24 5.11 18.98 -0.26
C GLY A 24 5.04 19.75 1.04
N SER A 25 5.53 19.15 2.13
CA SER A 25 5.62 19.80 3.43
C SER A 25 6.83 19.28 4.22
N ALA A 26 7.07 19.84 5.40
CA ALA A 26 8.24 19.48 6.21
C ALA A 26 8.24 18.01 6.63
N ARG A 27 7.09 17.50 7.06
CA ARG A 27 6.97 16.10 7.45
C ARG A 27 6.05 15.31 6.52
N ALA A 28 6.12 15.63 5.22
CA ALA A 28 5.42 14.87 4.20
C ALA A 28 6.02 13.48 4.14
N ALA A 29 5.16 12.47 4.05
CA ALA A 29 5.58 11.07 3.98
C ALA A 29 6.36 10.79 2.70
N GLY A 30 6.01 11.47 1.61
CA GLY A 30 6.55 11.12 0.30
C GLY A 30 7.13 12.26 -0.50
N TYR A 31 8.00 11.90 -1.45
CA TYR A 31 8.48 12.83 -2.46
C TYR A 31 7.58 12.73 -3.69
N ASP A 32 7.13 13.88 -4.19
CA ASP A 32 6.31 13.96 -5.40
C ASP A 32 7.05 13.45 -6.64
N LEU A 33 6.37 12.61 -7.42
CA LEU A 33 6.90 12.10 -8.68
C LEU A 33 6.14 12.71 -9.86
N TYR A 34 6.88 13.03 -10.91
CA TYR A 34 6.37 13.79 -12.05
C TYR A 34 6.44 12.98 -13.34
N SER A 35 5.41 13.11 -14.17
CA SER A 35 5.44 12.50 -15.50
C SER A 35 6.44 13.22 -16.41
N ALA A 36 7.20 12.43 -17.18
CA ALA A 36 8.16 12.97 -18.13
C ALA A 36 7.56 13.06 -19.55
N TYR A 37 6.38 12.46 -19.73
CA TYR A 37 5.74 12.40 -21.05
C TYR A 37 4.24 12.68 -20.99
N ASP A 38 3.64 12.84 -22.17
CA ASP A 38 2.21 13.08 -22.30
C ASP A 38 1.49 11.75 -22.53
N TYR A 39 0.43 11.50 -21.75
CA TYR A 39 -0.34 10.28 -21.88
C TYR A 39 -1.83 10.55 -21.83
N THR A 40 -2.60 9.86 -22.67
CA THR A 40 -4.06 9.85 -22.56
C THR A 40 -4.50 8.46 -22.10
N ILE A 41 -5.11 8.40 -20.91
CA ILE A 41 -5.64 7.13 -20.40
C ILE A 41 -7.16 7.08 -20.53
N PRO A 42 -7.66 6.20 -21.39
CA PRO A 42 -9.12 6.04 -21.57
C PRO A 42 -9.81 5.52 -20.29
N PRO A 43 -11.15 5.60 -20.23
CA PRO A 43 -11.89 5.07 -19.09
C PRO A 43 -11.68 3.57 -18.94
N MET A 44 -11.56 3.11 -17.70
CA MET A 44 -11.35 1.70 -17.37
C MET A 44 -10.07 1.11 -17.98
N GLU A 45 -9.03 1.94 -18.07
CA GLU A 45 -7.75 1.52 -18.61
C GLU A 45 -6.56 1.85 -17.71
N LYS A 46 -5.40 1.35 -18.09
CA LYS A 46 -4.17 1.54 -17.34
C LYS A 46 -3.08 2.08 -18.26
N ALA A 47 -2.05 2.68 -17.66
CA ALA A 47 -0.87 3.11 -18.41
C ALA A 47 0.35 3.03 -17.53
N VAL A 48 1.50 2.76 -18.14
CA VAL A 48 2.77 2.86 -17.44
C VAL A 48 3.38 4.23 -17.74
N VAL A 49 3.40 5.08 -16.73
CA VAL A 49 3.91 6.44 -16.87
C VAL A 49 5.38 6.47 -16.45
N LYS A 50 6.25 6.85 -17.38
CA LYS A 50 7.69 6.96 -17.11
C LYS A 50 8.03 8.31 -16.45
N THR A 51 8.87 8.27 -15.42
CA THR A 51 9.38 9.48 -14.77
C THR A 51 10.72 9.92 -15.36
N ASP A 52 11.42 8.98 -16.01
CA ASP A 52 12.79 9.16 -16.46
C ASP A 52 13.78 9.51 -15.33
N ILE A 53 13.58 8.94 -14.14
CA ILE A 53 14.61 8.98 -13.10
C ILE A 53 14.98 7.59 -12.59
N GLN A 54 16.23 7.47 -12.15
CA GLN A 54 16.69 6.27 -11.43
C GLN A 54 16.98 6.72 -10.01
N ILE A 55 16.71 5.86 -9.03
CA ILE A 55 16.93 6.19 -7.62
C ILE A 55 17.82 5.17 -6.91
N ALA A 56 18.50 5.63 -5.86
CA ALA A 56 19.19 4.75 -4.92
C ALA A 56 18.61 5.00 -3.52
N LEU A 57 17.79 4.07 -3.05
CA LEU A 57 17.15 4.15 -1.75
C LEU A 57 18.16 3.92 -0.63
N PRO A 58 17.97 4.55 0.53
CA PRO A 58 18.78 4.25 1.72
C PRO A 58 18.55 2.81 2.18
N SER A 59 19.53 2.24 2.86
CA SER A 59 19.45 0.85 3.32
C SER A 59 18.41 0.70 4.43
N GLY A 60 17.67 -0.41 4.39
CA GLY A 60 16.65 -0.70 5.38
C GLY A 60 15.24 -0.28 4.97
N CYS A 61 15.04 0.01 3.69
CA CYS A 61 13.73 0.38 3.19
C CYS A 61 13.50 -0.09 1.76
N TYR A 62 12.25 -0.07 1.34
CA TYR A 62 11.92 -0.10 -0.07
C TYR A 62 11.17 1.19 -0.42
N GLY A 63 11.06 1.47 -1.71
CA GLY A 63 10.32 2.63 -2.17
C GLY A 63 8.93 2.21 -2.57
N ARG A 64 7.92 2.76 -1.89
CA ARG A 64 6.55 2.53 -2.29
C ARG A 64 6.02 3.70 -3.12
N VAL A 65 5.58 3.39 -4.34
CA VAL A 65 4.85 4.35 -5.17
C VAL A 65 3.42 4.36 -4.70
N ALA A 66 2.97 5.51 -4.20
CA ALA A 66 1.69 5.65 -3.52
C ALA A 66 0.84 6.72 -4.21
N PRO A 67 -0.48 6.58 -4.11
CA PRO A 67 -1.41 7.47 -4.81
C PRO A 67 -1.46 8.89 -4.25
N ARG A 68 -1.72 9.86 -5.12
CA ARG A 68 -2.02 11.24 -4.71
C ARG A 68 -3.47 11.26 -4.27
N SER A 69 -3.80 12.09 -3.28
CA SER A 69 -5.14 12.05 -2.71
C SER A 69 -6.20 12.78 -3.54
N GLY A 70 -5.86 13.95 -4.06
CA GLY A 70 -6.76 14.73 -4.89
C GLY A 70 -7.17 13.96 -6.14
N LEU A 71 -6.18 13.36 -6.81
CA LEU A 71 -6.42 12.56 -8.01
C LEU A 71 -7.36 11.37 -7.75
N ALA A 72 -7.20 10.71 -6.59
CA ALA A 72 -8.10 9.63 -6.21
C ALA A 72 -9.52 10.12 -5.94
N ALA A 73 -9.65 11.14 -5.10
CA ALA A 73 -10.96 11.65 -4.68
C ALA A 73 -11.76 12.29 -5.81
N LYS A 74 -11.07 13.02 -6.68
CA LYS A 74 -11.73 13.78 -7.74
C LYS A 74 -11.87 13.02 -9.06
N HIS A 75 -10.84 12.27 -9.43
CA HIS A 75 -10.77 11.68 -10.77
C HIS A 75 -10.81 10.15 -10.82
N PHE A 76 -10.90 9.51 -9.66
CA PHE A 76 -10.96 8.04 -9.56
C PHE A 76 -9.66 7.42 -10.11
N ILE A 77 -8.53 8.04 -9.81
CA ILE A 77 -7.22 7.56 -10.21
C ILE A 77 -6.59 6.73 -9.09
N ASP A 78 -6.00 5.60 -9.46
CA ASP A 78 -5.34 4.72 -8.50
C ASP A 78 -3.96 4.30 -9.02
N VAL A 79 -3.13 3.79 -8.10
CA VAL A 79 -1.79 3.32 -8.45
C VAL A 79 -1.66 1.80 -8.24
N GLY A 80 -1.26 1.10 -9.31
CA GLY A 80 -1.01 -0.33 -9.23
C GLY A 80 0.45 -0.63 -8.97
N ALA A 81 0.78 -1.91 -8.87
CA ALA A 81 2.15 -2.38 -8.56
C ALA A 81 2.71 -1.61 -7.36
N GLY A 82 3.80 -0.88 -7.57
CA GLY A 82 4.26 0.10 -6.58
C GLY A 82 5.45 -0.25 -5.70
N VAL A 83 5.98 -1.47 -5.81
CA VAL A 83 7.11 -1.89 -4.99
C VAL A 83 8.45 -1.64 -5.71
N ILE A 84 9.20 -0.66 -5.24
CA ILE A 84 10.57 -0.46 -5.74
C ILE A 84 11.58 -1.10 -4.78
N ASP A 85 12.26 -2.14 -5.27
CA ASP A 85 13.28 -2.82 -4.49
C ASP A 85 14.51 -1.93 -4.29
N GLU A 86 15.14 -2.09 -3.12
CA GLU A 86 16.36 -1.37 -2.74
C GLU A 86 17.46 -1.37 -3.81
N ASP A 87 17.62 -2.48 -4.51
CA ASP A 87 18.68 -2.61 -5.53
C ASP A 87 18.27 -2.20 -6.94
N TYR A 88 17.03 -1.76 -7.15
CA TYR A 88 16.60 -1.34 -8.49
C TYR A 88 17.27 -0.05 -8.95
N ARG A 89 17.86 -0.09 -10.14
CA ARG A 89 18.55 1.07 -10.72
C ARG A 89 17.99 1.45 -12.10
N GLY A 90 16.80 0.93 -12.44
CA GLY A 90 16.15 1.29 -13.68
C GLY A 90 15.29 2.56 -13.60
N ASN A 91 14.65 2.87 -14.73
CA ASN A 91 13.65 3.92 -14.83
C ASN A 91 12.47 3.64 -13.88
N VAL A 92 12.08 4.64 -13.08
CA VAL A 92 10.96 4.47 -12.16
C VAL A 92 9.66 4.65 -12.94
N GLY A 93 8.88 3.57 -13.04
CA GLY A 93 7.59 3.59 -13.71
C GLY A 93 6.44 3.69 -12.73
N VAL A 94 5.41 4.46 -13.11
CA VAL A 94 4.19 4.54 -12.31
C VAL A 94 3.06 3.89 -13.09
N VAL A 95 2.41 2.91 -12.48
CA VAL A 95 1.28 2.23 -13.11
C VAL A 95 0.00 2.92 -12.65
N LEU A 96 -0.60 3.68 -13.57
CA LEU A 96 -1.80 4.46 -13.26
C LEU A 96 -3.03 3.73 -13.73
N PHE A 97 -4.03 3.63 -12.88
CA PHE A 97 -5.32 3.03 -13.22
C PHE A 97 -6.35 4.15 -13.32
N ASN A 98 -7.08 4.21 -14.43
CA ASN A 98 -8.20 5.15 -14.54
C ASN A 98 -9.56 4.45 -14.44
N PHE A 99 -10.17 4.48 -13.26
CA PHE A 99 -11.47 3.84 -13.05
C PHE A 99 -12.66 4.76 -13.34
N GLY A 100 -12.38 6.00 -13.72
CA GLY A 100 -13.41 6.97 -14.04
C GLY A 100 -14.06 6.76 -15.40
N LYS A 101 -15.10 7.55 -15.68
CA LYS A 101 -15.89 7.39 -16.90
C LYS A 101 -15.38 8.24 -18.07
N GLU A 102 -14.49 9.18 -17.77
CA GLU A 102 -13.88 10.02 -18.80
C GLU A 102 -12.40 9.69 -18.94
N LYS A 103 -11.83 10.05 -20.09
CA LYS A 103 -10.40 9.96 -20.32
C LYS A 103 -9.68 10.82 -19.29
N PHE A 104 -8.49 10.38 -18.87
CA PHE A 104 -7.64 11.18 -18.00
C PHE A 104 -6.39 11.57 -18.76
N GLU A 105 -6.08 12.87 -18.75
CA GLU A 105 -4.90 13.37 -19.44
C GLU A 105 -3.73 13.65 -18.52
N VAL A 106 -2.62 12.96 -18.77
CA VAL A 106 -1.37 13.20 -18.06
C VAL A 106 -0.47 14.06 -18.95
N LYS A 107 -0.09 15.23 -18.46
CA LYS A 107 0.83 16.11 -19.18
C LYS A 107 2.24 15.99 -18.64
N LYS A 108 3.23 16.16 -19.51
CA LYS A 108 4.62 16.26 -19.10
C LYS A 108 4.72 17.29 -17.97
N GLY A 109 5.28 16.89 -16.84
CA GLY A 109 5.44 17.80 -15.70
C GLY A 109 4.38 17.69 -14.63
N ASP A 110 3.32 16.91 -14.88
CA ASP A 110 2.25 16.70 -13.90
C ASP A 110 2.71 15.83 -12.73
N ARG A 111 2.25 16.17 -11.53
CA ARG A 111 2.46 15.40 -10.31
C ARG A 111 1.47 14.23 -10.30
N ILE A 112 1.97 13.01 -10.37
CA ILE A 112 1.10 11.86 -10.60
C ILE A 112 1.11 10.78 -9.50
N ALA A 113 2.08 10.86 -8.59
CA ALA A 113 2.26 9.89 -7.52
C ALA A 113 3.23 10.42 -6.47
N GLN A 114 3.47 9.65 -5.42
CA GLN A 114 4.50 10.01 -4.44
C GLN A 114 5.31 8.78 -4.05
N LEU A 115 6.54 9.01 -3.63
CA LEU A 115 7.44 7.93 -3.28
C LEU A 115 7.76 7.96 -1.80
N ILE A 116 7.44 6.87 -1.10
CA ILE A 116 7.62 6.77 0.35
C ILE A 116 8.71 5.73 0.67
N CYS A 117 9.62 6.09 1.58
CA CYS A 117 10.66 5.15 2.01
C CYS A 117 10.17 4.32 3.21
N GLU A 118 9.60 3.16 2.90
CA GLU A 118 8.98 2.30 3.92
C GLU A 118 10.03 1.41 4.58
N ARG A 119 10.13 1.50 5.91
CA ARG A 119 11.13 0.72 6.64
C ARG A 119 10.69 -0.74 6.76
N ILE A 120 11.62 -1.63 6.42
CA ILE A 120 11.33 -3.06 6.41
C ILE A 120 12.52 -3.81 6.98
N PHE A 121 12.37 -5.10 7.19
CA PHE A 121 13.56 -5.92 7.38
C PHE A 121 13.51 -7.16 6.52
N TYR A 122 14.63 -7.87 6.46
CA TYR A 122 14.81 -8.98 5.55
C TYR A 122 15.12 -10.21 6.37
N PRO A 123 14.09 -10.86 6.93
CA PRO A 123 14.31 -12.07 7.73
C PRO A 123 14.63 -13.25 6.81
N GLU A 124 15.42 -14.19 7.32
CA GLU A 124 15.59 -15.49 6.66
C GLU A 124 14.30 -16.29 6.89
N ILE A 125 14.00 -17.20 5.97
CA ILE A 125 12.80 -18.02 6.08
C ILE A 125 13.12 -19.38 6.72
N GLU A 126 12.20 -19.85 7.58
CA GLU A 126 12.41 -21.12 8.28
C GLU A 126 11.14 -21.97 8.18
N GLU A 127 11.25 -23.15 7.59
CA GLU A 127 10.13 -24.10 7.55
C GLU A 127 10.10 -24.95 8.81
N VAL A 128 8.93 -25.00 9.44
CA VAL A 128 8.69 -25.87 10.60
C VAL A 128 7.49 -26.78 10.32
N GLN A 129 7.34 -27.82 11.14
CA GLN A 129 6.18 -28.70 11.03
C GLN A 129 4.97 -28.14 11.79
N ALA A 130 5.24 -27.61 12.98
CA ALA A 130 4.25 -26.84 13.75
C ALA A 130 4.89 -25.51 14.14
N LEU A 131 4.08 -24.46 14.22
CA LEU A 131 4.61 -23.11 14.49
C LEU A 131 5.26 -22.95 15.87
N ASP A 132 4.97 -23.85 16.79
CA ASP A 132 5.58 -23.83 18.12
C ASP A 132 6.76 -24.82 18.29
N ASP A 133 7.30 -25.31 17.17
CA ASP A 133 8.47 -26.21 17.19
C ASP A 133 9.67 -25.51 17.82
N MET B 7 4.90 10.04 20.73
CA MET B 7 4.98 8.63 21.22
C MET B 7 3.66 7.87 21.04
N GLN B 8 2.55 8.49 21.44
CA GLN B 8 1.25 7.87 21.30
C GLN B 8 0.49 8.43 20.10
N LEU B 9 -0.59 7.73 19.75
CA LEU B 9 -1.50 8.23 18.74
C LEU B 9 -2.56 9.08 19.43
N ARG B 10 -2.51 10.38 19.20
CA ARG B 10 -3.50 11.29 19.81
C ARG B 10 -4.59 11.60 18.80
N PHE B 11 -5.82 11.67 19.28
CA PHE B 11 -6.94 12.11 18.45
C PHE B 11 -7.88 13.08 19.20
N ALA B 12 -8.64 13.83 18.42
CA ALA B 12 -9.69 14.70 18.94
C ALA B 12 -10.90 14.59 18.03
N ARG B 13 -12.09 14.67 18.62
CA ARG B 13 -13.35 14.59 17.87
C ARG B 13 -13.74 15.95 17.31
N LEU B 14 -14.19 15.96 16.06
CA LEU B 14 -14.60 17.20 15.39
C LEU B 14 -16.13 17.38 15.41
N SER B 15 -16.82 16.34 15.87
CA SER B 15 -18.26 16.40 16.18
C SER B 15 -18.63 15.25 17.11
N GLU B 16 -19.87 15.27 17.62
CA GLU B 16 -20.39 14.16 18.43
C GLU B 16 -20.68 12.89 17.63
N HIS B 17 -20.56 12.94 16.31
CA HIS B 17 -20.87 11.79 15.44
C HIS B 17 -19.70 10.83 15.28
N ALA B 18 -18.50 11.26 15.70
CA ALA B 18 -17.29 10.45 15.64
C ALA B 18 -17.27 9.30 16.65
N THR B 19 -16.57 8.23 16.28
CA THR B 19 -16.28 7.10 17.18
C THR B 19 -14.77 6.99 17.36
N ALA B 20 -14.33 6.81 18.61
CA ALA B 20 -12.91 6.62 18.93
C ALA B 20 -12.43 5.34 18.24
N PRO B 21 -11.30 5.41 17.52
CA PRO B 21 -10.74 4.20 16.91
C PRO B 21 -10.48 3.09 17.95
N THR B 22 -10.62 1.84 17.53
CA THR B 22 -10.44 0.69 18.41
C THR B 22 -9.49 -0.32 17.80
N ARG B 23 -8.91 -1.16 18.65
CA ARG B 23 -8.02 -2.22 18.20
C ARG B 23 -8.48 -3.51 18.85
N GLY B 24 -8.70 -4.53 18.02
CA GLY B 24 -9.16 -5.83 18.49
C GLY B 24 -8.15 -6.61 19.33
N SER B 25 -6.87 -6.43 19.03
CA SER B 25 -5.81 -7.16 19.74
C SER B 25 -4.59 -6.27 19.97
N ALA B 26 -3.75 -6.66 20.93
CA ALA B 26 -2.50 -5.95 21.18
C ALA B 26 -1.49 -6.06 20.02
N ARG B 27 -1.68 -7.06 19.17
CA ARG B 27 -0.80 -7.26 18.01
C ARG B 27 -1.48 -7.04 16.65
N ALA B 28 -2.64 -6.39 16.68
CA ALA B 28 -3.32 -5.99 15.45
C ALA B 28 -2.59 -4.81 14.81
N ALA B 29 -2.40 -4.87 13.49
CA ALA B 29 -1.65 -3.84 12.75
C ALA B 29 -2.31 -2.47 12.77
N GLY B 30 -3.65 -2.46 12.76
CA GLY B 30 -4.38 -1.22 12.56
C GLY B 30 -5.44 -0.92 13.61
N TYR B 31 -5.74 0.38 13.77
CA TYR B 31 -6.88 0.84 14.55
C TYR B 31 -8.05 0.98 13.59
N ASP B 32 -9.21 0.42 13.96
CA ASP B 32 -10.42 0.52 13.12
C ASP B 32 -10.92 1.95 13.07
N LEU B 33 -11.31 2.37 11.86
CA LEU B 33 -11.88 3.69 11.63
C LEU B 33 -13.37 3.56 11.32
N TYR B 34 -14.16 4.48 11.84
CA TYR B 34 -15.62 4.40 11.74
C TYR B 34 -16.16 5.58 10.94
N SER B 35 -17.25 5.34 10.21
CA SER B 35 -17.91 6.42 9.50
C SER B 35 -18.70 7.27 10.48
N ALA B 36 -18.68 8.59 10.26
CA ALA B 36 -19.46 9.53 11.05
C ALA B 36 -20.79 9.89 10.35
N TYR B 37 -20.93 9.51 9.08
CA TYR B 37 -22.09 9.88 8.26
C TYR B 37 -22.66 8.70 7.45
N ASP B 38 -23.78 8.93 6.77
CA ASP B 38 -24.45 7.90 5.96
C ASP B 38 -24.17 8.12 4.48
N TYR B 39 -23.74 7.07 3.78
CA TYR B 39 -23.43 7.13 2.37
C TYR B 39 -23.94 5.90 1.64
N THR B 40 -24.53 6.11 0.47
CA THR B 40 -24.81 5.03 -0.47
C THR B 40 -23.84 5.15 -1.64
N ILE B 41 -23.02 4.11 -1.85
CA ILE B 41 -22.06 4.11 -2.95
C ILE B 41 -22.52 3.17 -4.06
N PRO B 42 -22.92 3.73 -5.20
CA PRO B 42 -23.40 2.91 -6.33
C PRO B 42 -22.29 2.00 -6.88
N PRO B 43 -22.66 0.99 -7.66
CA PRO B 43 -21.66 0.14 -8.33
C PRO B 43 -20.70 1.00 -9.16
N MET B 44 -19.40 0.69 -9.08
CA MET B 44 -18.37 1.36 -9.88
C MET B 44 -18.29 2.87 -9.60
N GLU B 45 -18.46 3.22 -8.33
CA GLU B 45 -18.37 4.60 -7.89
C GLU B 45 -17.46 4.72 -6.67
N LYS B 46 -17.13 5.97 -6.35
CA LYS B 46 -16.31 6.28 -5.19
C LYS B 46 -17.02 7.26 -4.26
N ALA B 47 -16.61 7.28 -3.00
CA ALA B 47 -17.10 8.26 -2.04
C ALA B 47 -15.97 8.64 -1.08
N VAL B 48 -16.02 9.86 -0.57
CA VAL B 48 -15.12 10.28 0.50
C VAL B 48 -15.90 10.26 1.82
N VAL B 49 -15.47 9.38 2.73
CA VAL B 49 -16.16 9.15 4.00
C VAL B 49 -15.44 9.91 5.11
N LYS B 50 -16.15 10.86 5.74
CA LYS B 50 -15.62 11.60 6.87
C LYS B 50 -15.68 10.78 8.16
N THR B 51 -14.58 10.80 8.93
CA THR B 51 -14.54 10.17 10.24
C THR B 51 -14.89 11.17 11.35
N ASP B 52 -14.67 12.45 11.07
CA ASP B 52 -14.83 13.53 12.06
C ASP B 52 -13.85 13.40 13.25
N ILE B 53 -12.68 12.81 13.01
CA ILE B 53 -11.54 12.94 13.93
C ILE B 53 -10.34 13.61 13.26
N GLN B 54 -9.52 14.29 14.06
CA GLN B 54 -8.19 14.70 13.64
C GLN B 54 -7.22 13.87 14.47
N ILE B 55 -6.09 13.51 13.87
CA ILE B 55 -5.07 12.71 14.56
C ILE B 55 -3.71 13.38 14.55
N ALA B 56 -2.91 13.08 15.57
CA ALA B 56 -1.49 13.43 15.63
C ALA B 56 -0.70 12.14 15.73
N LEU B 57 -0.11 11.73 14.61
CA LEU B 57 0.63 10.48 14.55
C LEU B 57 1.93 10.58 15.34
N PRO B 58 2.41 9.46 15.90
CA PRO B 58 3.71 9.45 16.56
C PRO B 58 4.81 9.85 15.57
N SER B 59 5.90 10.40 16.08
CA SER B 59 7.04 10.80 15.27
C SER B 59 7.68 9.59 14.56
N GLY B 60 8.01 9.74 13.28
CA GLY B 60 8.75 8.72 12.56
C GLY B 60 7.87 7.73 11.81
N CYS B 61 6.63 8.11 11.57
CA CYS B 61 5.70 7.28 10.83
C CYS B 61 4.71 8.14 10.08
N TYR B 62 4.02 7.54 9.10
CA TYR B 62 2.81 8.12 8.57
C TYR B 62 1.63 7.19 8.87
N GLY B 63 0.41 7.68 8.63
CA GLY B 63 -0.76 6.85 8.85
C GLY B 63 -1.27 6.32 7.53
N ARG B 64 -1.23 5.01 7.35
CA ARG B 64 -1.80 4.43 6.15
C ARG B 64 -3.23 3.96 6.39
N VAL B 65 -4.17 4.54 5.65
CA VAL B 65 -5.54 4.06 5.64
C VAL B 65 -5.55 2.82 4.74
N ALA B 66 -5.87 1.69 5.35
CA ALA B 66 -5.80 0.39 4.70
C ALA B 66 -7.16 -0.29 4.72
N PRO B 67 -7.39 -1.17 3.73
CA PRO B 67 -8.66 -1.87 3.61
C PRO B 67 -8.89 -2.92 4.69
N ARG B 68 -10.13 -3.02 5.14
CA ARG B 68 -10.59 -4.18 5.90
C ARG B 68 -10.66 -5.38 4.97
N SER B 69 -10.43 -6.58 5.53
CA SER B 69 -10.31 -7.80 4.73
C SER B 69 -11.67 -8.35 4.27
N GLY B 70 -12.63 -8.40 5.20
CA GLY B 70 -13.98 -8.83 4.90
C GLY B 70 -14.65 -8.03 3.78
N LEU B 71 -14.59 -6.70 3.88
CA LEU B 71 -15.17 -5.81 2.88
C LEU B 71 -14.56 -6.02 1.48
N ALA B 72 -13.24 -6.22 1.43
CA ALA B 72 -12.55 -6.52 0.18
C ALA B 72 -12.96 -7.86 -0.43
N ALA B 73 -12.87 -8.92 0.37
CA ALA B 73 -13.12 -10.29 -0.10
C ALA B 73 -14.59 -10.58 -0.46
N LYS B 74 -15.51 -9.96 0.28
CA LYS B 74 -16.94 -10.22 0.05
C LYS B 74 -17.57 -9.19 -0.87
N HIS B 75 -17.32 -7.90 -0.61
CA HIS B 75 -18.02 -6.81 -1.29
C HIS B 75 -17.22 -6.06 -2.38
N PHE B 76 -15.96 -6.46 -2.63
CA PHE B 76 -15.16 -5.82 -3.68
C PHE B 76 -14.96 -4.32 -3.37
N ILE B 77 -14.80 -4.01 -2.07
CA ILE B 77 -14.51 -2.66 -1.61
C ILE B 77 -13.00 -2.45 -1.50
N ASP B 78 -12.51 -1.33 -2.01
CA ASP B 78 -11.09 -1.00 -1.94
C ASP B 78 -10.91 0.39 -1.37
N VAL B 79 -9.70 0.68 -0.90
CA VAL B 79 -9.37 1.98 -0.33
C VAL B 79 -8.41 2.71 -1.26
N GLY B 80 -8.83 3.89 -1.71
CA GLY B 80 -8.00 4.76 -2.53
C GLY B 80 -7.17 5.71 -1.69
N ALA B 81 -6.26 6.44 -2.34
CA ALA B 81 -5.40 7.42 -1.65
C ALA B 81 -4.71 6.76 -0.44
N GLY B 82 -4.93 7.30 0.75
CA GLY B 82 -4.61 6.58 1.97
C GLY B 82 -3.37 7.01 2.73
N VAL B 83 -2.68 8.03 2.24
CA VAL B 83 -1.47 8.52 2.90
C VAL B 83 -1.82 9.71 3.81
N ILE B 84 -1.79 9.50 5.13
CA ILE B 84 -1.98 10.58 6.12
C ILE B 84 -0.62 11.03 6.63
N ASP B 85 -0.20 12.23 6.23
CA ASP B 85 1.08 12.79 6.63
C ASP B 85 1.14 13.05 8.13
N GLU B 86 2.33 12.92 8.70
CA GLU B 86 2.61 13.15 10.12
C GLU B 86 2.14 14.53 10.58
N ASP B 87 2.22 15.52 9.68
CA ASP B 87 1.85 16.90 10.04
C ASP B 87 0.41 17.31 9.69
N TYR B 88 -0.41 16.34 9.28
CA TYR B 88 -1.81 16.62 8.95
C TYR B 88 -2.68 16.75 10.19
N ARG B 89 -3.43 17.85 10.27
CA ARG B 89 -4.32 18.14 11.40
C ARG B 89 -5.79 18.32 11.01
N GLY B 90 -6.13 17.98 9.77
CA GLY B 90 -7.51 18.06 9.31
C GLY B 90 -8.33 16.81 9.59
N ASN B 91 -9.55 16.79 9.06
CA ASN B 91 -10.50 15.69 9.19
C ASN B 91 -9.99 14.48 8.38
N VAL B 92 -9.86 13.34 9.04
CA VAL B 92 -9.38 12.13 8.35
C VAL B 92 -10.48 11.59 7.45
N GLY B 93 -10.21 11.58 6.13
CA GLY B 93 -11.17 11.10 5.16
C GLY B 93 -10.76 9.74 4.64
N VAL B 94 -11.74 8.89 4.37
CA VAL B 94 -11.49 7.57 3.77
C VAL B 94 -12.08 7.53 2.36
N VAL B 95 -11.23 7.31 1.36
CA VAL B 95 -11.71 7.19 -0.01
C VAL B 95 -12.05 5.73 -0.29
N LEU B 96 -13.34 5.44 -0.46
CA LEU B 96 -13.80 4.08 -0.71
C LEU B 96 -14.17 3.92 -2.16
N PHE B 97 -13.69 2.83 -2.77
CA PHE B 97 -14.03 2.47 -4.14
C PHE B 97 -14.94 1.23 -4.09
N ASN B 98 -16.11 1.32 -4.73
CA ASN B 98 -17.01 0.17 -4.82
C ASN B 98 -16.95 -0.46 -6.22
N PHE B 99 -16.24 -1.57 -6.34
CA PHE B 99 -16.10 -2.25 -7.63
C PHE B 99 -17.13 -3.37 -7.81
N GLY B 100 -18.00 -3.55 -6.81
CA GLY B 100 -19.04 -4.56 -6.88
C GLY B 100 -20.19 -4.12 -7.76
N LYS B 101 -21.13 -5.03 -8.02
CA LYS B 101 -22.27 -4.74 -8.91
C LYS B 101 -23.53 -4.28 -8.18
N GLU B 102 -23.52 -4.33 -6.84
CA GLU B 102 -24.61 -3.76 -6.06
C GLU B 102 -24.13 -2.56 -5.27
N LYS B 103 -25.06 -1.68 -4.87
CA LYS B 103 -24.66 -0.54 -4.04
C LYS B 103 -24.18 -0.99 -2.67
N PHE B 104 -23.20 -0.27 -2.13
CA PHE B 104 -22.66 -0.53 -0.81
C PHE B 104 -23.14 0.56 0.16
N GLU B 105 -23.72 0.14 1.27
CA GLU B 105 -24.30 1.07 2.25
C GLU B 105 -23.34 1.30 3.43
N VAL B 106 -23.06 2.58 3.70
CA VAL B 106 -22.30 2.96 4.87
C VAL B 106 -23.23 3.75 5.79
N LYS B 107 -23.35 3.33 7.05
CA LYS B 107 -24.08 4.11 8.04
C LYS B 107 -23.14 4.58 9.14
N LYS B 108 -23.52 5.68 9.82
CA LYS B 108 -22.76 6.18 10.97
C LYS B 108 -22.47 5.03 11.94
N GLY B 109 -21.21 4.87 12.32
CA GLY B 109 -20.82 3.85 13.28
C GLY B 109 -20.31 2.55 12.65
N ASP B 110 -20.43 2.41 11.33
CA ASP B 110 -19.88 1.26 10.59
C ASP B 110 -18.36 1.35 10.52
N ARG B 111 -17.69 0.22 10.71
CA ARG B 111 -16.23 0.12 10.56
C ARG B 111 -15.90 -0.06 9.07
N ILE B 112 -15.15 0.89 8.51
CA ILE B 112 -14.98 0.93 7.05
C ILE B 112 -13.53 0.82 6.56
N ALA B 113 -12.56 0.92 7.49
CA ALA B 113 -11.15 0.88 7.15
C ALA B 113 -10.31 0.70 8.42
N GLN B 114 -8.99 0.63 8.26
CA GLN B 114 -8.08 0.58 9.40
C GLN B 114 -6.93 1.52 9.19
N LEU B 115 -6.32 1.95 10.30
CA LEU B 115 -5.23 2.91 10.29
C LEU B 115 -3.96 2.29 10.86
N ILE B 116 -2.92 2.23 10.02
CA ILE B 116 -1.66 1.59 10.35
C ILE B 116 -0.55 2.64 10.51
N CYS B 117 0.25 2.51 11.56
CA CYS B 117 1.36 3.45 11.78
C CYS B 117 2.64 2.90 11.14
N GLU B 118 2.80 3.20 9.86
CA GLU B 118 3.92 2.71 9.03
C GLU B 118 5.20 3.49 9.30
N ARG B 119 6.25 2.82 9.74
CA ARG B 119 7.51 3.48 10.03
C ARG B 119 8.26 3.81 8.75
N ILE B 120 8.71 5.06 8.63
CA ILE B 120 9.40 5.52 7.43
C ILE B 120 10.67 6.30 7.74
N PHE B 121 11.53 6.45 6.73
CA PHE B 121 12.62 7.41 6.78
C PHE B 121 12.16 8.74 6.19
N TYR B 122 12.81 9.83 6.59
CA TYR B 122 12.65 11.13 5.97
C TYR B 122 13.99 11.57 5.38
N PRO B 123 14.39 10.99 4.25
CA PRO B 123 15.73 11.24 3.71
C PRO B 123 15.85 12.60 3.01
N GLU B 124 17.07 13.11 2.96
CA GLU B 124 17.40 14.29 2.16
C GLU B 124 17.73 13.82 0.74
N ILE B 125 17.36 14.64 -0.25
CA ILE B 125 17.50 14.27 -1.66
C ILE B 125 18.76 14.87 -2.31
N GLU B 126 19.47 14.06 -3.09
CA GLU B 126 20.68 14.49 -3.75
C GLU B 126 20.69 14.06 -5.21
N GLU B 127 20.90 15.01 -6.11
CA GLU B 127 21.05 14.68 -7.53
C GLU B 127 22.49 14.33 -7.83
N VAL B 128 22.66 13.27 -8.61
CA VAL B 128 23.95 12.91 -9.20
C VAL B 128 23.76 12.74 -10.71
N GLN B 129 24.87 12.70 -11.43
CA GLN B 129 24.85 12.52 -12.89
C GLN B 129 24.19 11.18 -13.26
N ALA B 130 24.79 10.11 -12.70
CA ALA B 130 24.38 8.74 -12.99
C ALA B 130 24.64 7.88 -11.78
N LEU B 131 23.83 6.83 -11.61
CA LEU B 131 24.04 5.87 -10.53
C LEU B 131 24.68 4.60 -11.06
N ASP B 132 25.46 3.94 -10.20
CA ASP B 132 26.04 2.64 -10.53
C ASP B 132 24.98 1.53 -10.45
N ASP B 133 25.08 0.56 -11.36
CA ASP B 133 24.12 -0.55 -11.43
C ASP B 133 24.45 -1.65 -10.42
N THR B 134 23.41 -2.31 -9.93
CA THR B 134 23.56 -3.44 -9.01
C THR B 134 23.60 -4.77 -9.79
N GLU B 135 22.79 -5.72 -9.36
CA GLU B 135 22.67 -7.02 -10.04
C GLU B 135 21.26 -7.22 -10.59
N ARG B 136 20.31 -6.45 -10.07
CA ARG B 136 18.94 -6.43 -10.60
C ARG B 136 18.88 -5.68 -11.92
N GLY B 137 19.75 -4.67 -12.06
CA GLY B 137 19.86 -3.87 -13.27
C GLY B 137 18.68 -2.94 -13.48
N SER B 138 18.38 -2.67 -14.75
CA SER B 138 17.28 -1.81 -15.14
C SER B 138 16.00 -2.60 -15.47
N GLY B 139 16.12 -3.93 -15.48
CA GLY B 139 15.02 -4.81 -15.79
C GLY B 139 13.95 -4.88 -14.71
N GLY B 140 12.76 -4.39 -15.04
CA GLY B 140 11.61 -4.45 -14.16
C GLY B 140 10.39 -4.98 -14.89
N PHE B 141 9.23 -4.91 -14.23
CA PHE B 141 7.95 -5.36 -14.79
C PHE B 141 8.02 -6.76 -15.40
N GLY B 142 8.44 -7.73 -14.60
CA GLY B 142 8.61 -9.10 -15.06
C GLY B 142 7.38 -9.96 -14.87
N HIS C 1 20.62 -9.92 25.69
CA HIS C 1 20.91 -10.26 27.13
C HIS C 1 21.87 -11.46 27.27
N HIS C 2 21.31 -12.66 27.12
CA HIS C 2 22.10 -13.89 27.14
C HIS C 2 22.23 -14.43 25.72
N HIS C 3 21.17 -14.23 24.94
CA HIS C 3 21.04 -14.83 23.62
C HIS C 3 21.03 -13.75 22.53
N HIS C 4 21.82 -14.00 21.49
CA HIS C 4 22.05 -13.02 20.43
C HIS C 4 21.83 -13.66 19.07
N HIS C 5 20.66 -13.41 18.49
CA HIS C 5 20.23 -14.10 17.28
C HIS C 5 19.42 -13.16 16.39
N HIS C 6 19.08 -13.64 15.19
CA HIS C 6 18.24 -12.88 14.27
C HIS C 6 16.86 -13.53 14.16
N MET C 7 15.82 -12.70 14.12
CA MET C 7 14.45 -13.18 13.95
C MET C 7 14.23 -13.73 12.56
N GLN C 8 13.44 -14.80 12.48
CA GLN C 8 13.19 -15.50 11.21
C GLN C 8 11.71 -15.44 10.86
N LEU C 9 11.43 -15.50 9.56
CA LEU C 9 10.07 -15.66 9.08
C LEU C 9 9.74 -17.16 9.09
N ARG C 10 8.89 -17.55 10.03
CA ARG C 10 8.53 -18.94 10.24
C ARG C 10 7.27 -19.30 9.47
N PHE C 11 7.26 -20.47 8.84
CA PHE C 11 6.04 -20.94 8.18
C PHE C 11 5.88 -22.46 8.25
N ALA C 12 4.63 -22.90 8.12
CA ALA C 12 4.29 -24.32 8.05
C ALA C 12 3.30 -24.53 6.91
N ARG C 13 3.44 -25.66 6.22
CA ARG C 13 2.54 -26.02 5.13
C ARG C 13 1.26 -26.60 5.71
N LEU C 14 0.13 -26.19 5.13
CA LEU C 14 -1.16 -26.71 5.58
C LEU C 14 -1.64 -27.86 4.71
N SER C 15 -1.04 -27.99 3.53
CA SER C 15 -1.30 -29.13 2.63
C SER C 15 -0.09 -29.43 1.75
N GLU C 16 -0.20 -30.49 0.97
CA GLU C 16 0.82 -30.84 -0.02
C GLU C 16 0.78 -29.91 -1.24
N HIS C 17 -0.22 -29.02 -1.30
CA HIS C 17 -0.40 -28.13 -2.45
C HIS C 17 0.38 -26.82 -2.37
N ALA C 18 0.91 -26.52 -1.19
CA ALA C 18 1.63 -25.26 -0.95
C ALA C 18 3.05 -25.28 -1.53
N THR C 19 3.56 -24.08 -1.82
CA THR C 19 4.96 -23.87 -2.19
C THR C 19 5.64 -22.98 -1.14
N ALA C 20 6.84 -23.36 -0.70
CA ALA C 20 7.62 -22.52 0.21
C ALA C 20 7.89 -21.15 -0.44
N PRO C 21 7.58 -20.07 0.27
CA PRO C 21 7.87 -18.71 -0.25
C PRO C 21 9.35 -18.54 -0.58
N THR C 22 9.64 -17.81 -1.66
CA THR C 22 11.01 -17.58 -2.11
C THR C 22 11.33 -16.11 -2.21
N ARG C 23 12.62 -15.79 -2.15
CA ARG C 23 13.07 -14.42 -2.38
C ARG C 23 14.05 -14.41 -3.56
N GLY C 24 13.76 -13.58 -4.55
CA GLY C 24 14.56 -13.48 -5.77
C GLY C 24 16.01 -13.14 -5.52
N SER C 25 16.25 -11.97 -4.92
CA SER C 25 17.60 -11.54 -4.57
C SER C 25 17.70 -11.27 -3.06
N ALA C 26 18.92 -11.03 -2.59
CA ALA C 26 19.18 -10.81 -1.16
C ALA C 26 18.54 -9.53 -0.63
N ARG C 27 18.15 -8.63 -1.53
CA ARG C 27 17.56 -7.37 -1.12
C ARG C 27 16.23 -7.04 -1.82
N ALA C 28 15.52 -8.08 -2.28
CA ALA C 28 14.14 -7.93 -2.73
C ALA C 28 13.28 -7.62 -1.52
N ALA C 29 12.36 -6.67 -1.68
CA ALA C 29 11.49 -6.24 -0.59
C ALA C 29 10.61 -7.37 -0.05
N GLY C 30 10.18 -8.27 -0.94
CA GLY C 30 9.18 -9.26 -0.58
C GLY C 30 9.53 -10.71 -0.86
N TYR C 31 8.84 -11.60 -0.14
CA TYR C 31 8.88 -13.04 -0.42
C TYR C 31 7.74 -13.38 -1.38
N ASP C 32 8.04 -14.16 -2.43
CA ASP C 32 7.03 -14.58 -3.41
C ASP C 32 6.00 -15.49 -2.78
N LEU C 33 4.73 -15.25 -3.09
CA LEU C 33 3.65 -16.11 -2.62
C LEU C 33 3.05 -16.86 -3.81
N TYR C 34 2.68 -18.12 -3.58
CA TYR C 34 2.27 -19.01 -4.66
C TYR C 34 0.86 -19.54 -4.42
N SER C 35 0.08 -19.67 -5.49
CA SER C 35 -1.25 -20.25 -5.36
C SER C 35 -1.18 -21.76 -5.10
N ALA C 36 -2.06 -22.24 -4.24
CA ALA C 36 -2.15 -23.68 -3.97
C ALA C 36 -3.21 -24.37 -4.82
N TYR C 37 -4.04 -23.59 -5.51
CA TYR C 37 -5.18 -24.12 -6.30
C TYR C 37 -5.33 -23.42 -7.66
N ASP C 38 -6.16 -23.98 -8.53
CA ASP C 38 -6.52 -23.33 -9.79
C ASP C 38 -7.69 -22.37 -9.57
N TYR C 39 -7.62 -21.20 -10.21
CA TYR C 39 -8.71 -20.22 -10.18
C TYR C 39 -8.87 -19.59 -11.56
N THR C 40 -10.11 -19.41 -11.97
CA THR C 40 -10.43 -18.63 -13.16
C THR C 40 -11.17 -17.38 -12.73
N ILE C 41 -10.57 -16.22 -12.96
CA ILE C 41 -11.17 -14.96 -12.56
C ILE C 41 -11.70 -14.19 -13.78
N PRO C 42 -13.03 -14.06 -13.90
CA PRO C 42 -13.65 -13.35 -15.03
C PRO C 42 -13.30 -11.85 -15.03
N PRO C 43 -13.58 -11.14 -16.13
CA PRO C 43 -13.37 -9.68 -16.17
C PRO C 43 -14.13 -8.95 -15.07
N MET C 44 -13.48 -7.97 -14.45
CA MET C 44 -14.08 -7.17 -13.38
C MET C 44 -14.61 -8.02 -12.24
N GLU C 45 -13.80 -9.00 -11.83
CA GLU C 45 -14.16 -9.89 -10.73
C GLU C 45 -12.99 -10.07 -9.77
N LYS C 46 -13.28 -10.66 -8.62
CA LYS C 46 -12.29 -10.94 -7.58
C LYS C 46 -12.31 -12.42 -7.18
N ALA C 47 -11.22 -12.86 -6.56
CA ALA C 47 -11.09 -14.21 -6.04
C ALA C 47 -10.21 -14.18 -4.79
N VAL C 48 -10.52 -15.04 -3.83
CA VAL C 48 -9.65 -15.29 -2.69
C VAL C 48 -8.78 -16.51 -2.99
N VAL C 49 -7.48 -16.29 -3.16
CA VAL C 49 -6.53 -17.34 -3.51
C VAL C 49 -5.83 -17.86 -2.25
N LYS C 50 -6.01 -19.14 -1.95
CA LYS C 50 -5.38 -19.79 -0.81
C LYS C 50 -3.94 -20.18 -1.15
N THR C 51 -3.02 -19.90 -0.23
CA THR C 51 -1.63 -20.35 -0.32
C THR C 51 -1.39 -21.68 0.40
N ASP C 52 -2.27 -22.01 1.35
CA ASP C 52 -2.11 -23.18 2.22
C ASP C 52 -0.82 -23.15 3.06
N ILE C 53 -0.42 -21.95 3.47
CA ILE C 53 0.63 -21.78 4.47
C ILE C 53 0.11 -20.95 5.64
N GLN C 54 0.57 -21.28 6.84
CA GLN C 54 0.39 -20.43 8.00
C GLN C 54 1.77 -19.85 8.33
N ILE C 55 1.82 -18.59 8.78
CA ILE C 55 3.08 -17.94 9.09
C ILE C 55 3.13 -17.39 10.51
N ALA C 56 4.34 -17.24 11.04
CA ALA C 56 4.57 -16.52 12.29
C ALA C 56 5.56 -15.39 12.03
N LEU C 57 5.03 -14.18 11.90
CA LEU C 57 5.84 -12.99 11.61
C LEU C 57 6.73 -12.63 12.79
N PRO C 58 7.92 -12.08 12.52
CA PRO C 58 8.76 -11.58 13.60
C PRO C 58 8.08 -10.40 14.31
N SER C 59 8.42 -10.22 15.59
CA SER C 59 7.85 -9.16 16.40
C SER C 59 8.13 -7.77 15.80
N GLY C 60 7.14 -6.89 15.86
CA GLY C 60 7.31 -5.50 15.45
C GLY C 60 7.11 -5.23 13.96
N CYS C 61 6.36 -6.10 13.29
CA CYS C 61 6.00 -5.89 11.91
C CYS C 61 4.63 -6.50 11.63
N TYR C 62 4.09 -6.19 10.45
CA TYR C 62 2.96 -6.95 9.92
C TYR C 62 3.37 -7.39 8.52
N GLY C 63 2.61 -8.31 7.94
CA GLY C 63 2.90 -8.79 6.61
C GLY C 63 1.99 -8.13 5.60
N ARG C 64 2.53 -7.31 4.71
CA ARG C 64 1.69 -6.74 3.65
C ARG C 64 1.77 -7.61 2.41
N VAL C 65 0.60 -8.10 1.97
CA VAL C 65 0.49 -8.74 0.66
C VAL C 65 0.46 -7.62 -0.38
N ALA C 66 1.47 -7.60 -1.25
CA ALA C 66 1.60 -6.56 -2.27
C ALA C 66 1.56 -7.17 -3.68
N PRO C 67 1.14 -6.38 -4.67
CA PRO C 67 1.06 -6.86 -6.06
C PRO C 67 2.41 -7.11 -6.73
N ARG C 68 2.42 -8.08 -7.65
CA ARG C 68 3.51 -8.27 -8.59
C ARG C 68 3.43 -7.14 -9.63
N SER C 69 4.59 -6.66 -10.06
CA SER C 69 4.67 -5.54 -11.01
C SER C 69 4.19 -5.90 -12.41
N GLY C 70 4.73 -6.98 -12.96
CA GLY C 70 4.36 -7.44 -14.29
C GLY C 70 2.87 -7.71 -14.43
N LEU C 71 2.29 -8.38 -13.44
CA LEU C 71 0.85 -8.69 -13.46
C LEU C 71 -0.04 -7.44 -13.52
N ALA C 72 0.34 -6.40 -12.77
CA ALA C 72 -0.38 -5.12 -12.82
C ALA C 72 -0.26 -4.42 -14.19
N ALA C 73 0.96 -4.31 -14.70
CA ALA C 73 1.23 -3.55 -15.93
C ALA C 73 0.72 -4.23 -17.21
N LYS C 74 0.84 -5.56 -17.26
CA LYS C 74 0.46 -6.30 -18.45
C LYS C 74 -0.98 -6.81 -18.41
N HIS C 75 -1.49 -7.15 -17.22
CA HIS C 75 -2.76 -7.85 -17.13
C HIS C 75 -3.82 -7.14 -16.29
N PHE C 76 -3.49 -5.97 -15.74
CA PHE C 76 -4.46 -5.17 -14.96
C PHE C 76 -4.90 -5.94 -13.69
N ILE C 77 -3.95 -6.66 -13.08
CA ILE C 77 -4.19 -7.40 -11.85
C ILE C 77 -3.79 -6.53 -10.66
N ASP C 78 -4.66 -6.49 -9.66
CA ASP C 78 -4.39 -5.77 -8.42
C ASP C 78 -4.65 -6.65 -7.21
N VAL C 79 -4.11 -6.24 -6.06
CA VAL C 79 -4.25 -6.98 -4.80
C VAL C 79 -5.11 -6.16 -3.83
N GLY C 80 -6.21 -6.75 -3.37
CA GLY C 80 -7.04 -6.11 -2.35
C GLY C 80 -6.66 -6.51 -0.93
N ALA C 81 -7.34 -5.92 0.05
CA ALA C 81 -7.07 -6.20 1.47
C ALA C 81 -5.57 -6.10 1.73
N GLY C 82 -4.96 -7.20 2.17
CA GLY C 82 -3.50 -7.30 2.21
C GLY C 82 -2.81 -7.17 3.57
N VAL C 83 -3.57 -6.96 4.64
CA VAL C 83 -3.00 -6.76 5.98
C VAL C 83 -3.00 -8.06 6.80
N ILE C 84 -1.82 -8.66 6.96
CA ILE C 84 -1.68 -9.87 7.78
C ILE C 84 -1.11 -9.51 9.13
N ASP C 85 -1.95 -9.63 10.17
CA ASP C 85 -1.55 -9.26 11.51
C ASP C 85 -0.47 -10.18 12.05
N GLU C 86 0.38 -9.61 12.90
CA GLU C 86 1.47 -10.33 13.54
C GLU C 86 0.98 -11.59 14.29
N ASP C 87 -0.25 -11.55 14.80
CA ASP C 87 -0.80 -12.66 15.57
C ASP C 87 -1.76 -13.58 14.80
N TYR C 88 -1.79 -13.43 13.47
CA TYR C 88 -2.58 -14.32 12.61
C TYR C 88 -1.89 -15.67 12.41
N ARG C 89 -2.61 -16.74 12.70
CA ARG C 89 -2.07 -18.11 12.58
C ARG C 89 -2.88 -18.97 11.60
N GLY C 90 -3.74 -18.33 10.81
CA GLY C 90 -4.56 -19.04 9.83
C GLY C 90 -3.92 -19.18 8.46
N ASN C 91 -4.71 -19.70 7.51
CA ASN C 91 -4.31 -19.84 6.10
C ASN C 91 -4.18 -18.47 5.46
N VAL C 92 -3.01 -18.18 4.88
CA VAL C 92 -2.75 -16.89 4.24
C VAL C 92 -3.49 -16.78 2.88
N GLY C 93 -4.42 -15.82 2.79
CA GLY C 93 -5.18 -15.62 1.58
C GLY C 93 -4.74 -14.39 0.81
N VAL C 94 -4.78 -14.48 -0.52
CA VAL C 94 -4.51 -13.34 -1.38
C VAL C 94 -5.82 -12.96 -2.10
N VAL C 95 -6.25 -11.71 -1.92
CA VAL C 95 -7.43 -11.21 -2.63
C VAL C 95 -7.00 -10.55 -3.95
N LEU C 96 -7.29 -11.22 -5.07
CA LEU C 96 -6.92 -10.71 -6.40
C LEU C 96 -8.08 -10.06 -7.12
N PHE C 97 -7.81 -8.88 -7.69
CA PHE C 97 -8.80 -8.15 -8.49
C PHE C 97 -8.39 -8.23 -9.96
N ASN C 98 -9.30 -8.65 -10.83
CA ASN C 98 -9.04 -8.61 -12.27
C ASN C 98 -9.81 -7.47 -12.92
N PHE C 99 -9.12 -6.36 -13.19
CA PHE C 99 -9.77 -5.20 -13.81
C PHE C 99 -9.70 -5.24 -15.34
N GLY C 100 -9.07 -6.28 -15.88
CA GLY C 100 -8.92 -6.44 -17.32
C GLY C 100 -10.21 -6.83 -18.01
N LYS C 101 -10.20 -6.84 -19.34
CA LYS C 101 -11.38 -7.19 -20.13
C LYS C 101 -11.38 -8.67 -20.54
N GLU C 102 -10.33 -9.38 -20.15
CA GLU C 102 -10.20 -10.82 -20.42
C GLU C 102 -10.13 -11.57 -19.11
N LYS C 103 -10.56 -12.83 -19.12
CA LYS C 103 -10.43 -13.69 -17.94
C LYS C 103 -8.95 -13.91 -17.60
N PHE C 104 -8.66 -14.04 -16.31
CA PHE C 104 -7.30 -14.30 -15.87
C PHE C 104 -7.23 -15.66 -15.18
N GLU C 105 -6.33 -16.52 -15.66
CA GLU C 105 -6.17 -17.88 -15.15
C GLU C 105 -5.04 -18.00 -14.13
N VAL C 106 -5.38 -18.51 -12.94
CA VAL C 106 -4.38 -18.85 -11.92
C VAL C 106 -4.29 -20.37 -11.85
N LYS C 107 -3.08 -20.90 -11.94
CA LYS C 107 -2.85 -22.34 -11.77
C LYS C 107 -2.08 -22.61 -10.47
N LYS C 108 -2.33 -23.77 -9.87
CA LYS C 108 -1.53 -24.22 -8.72
C LYS C 108 -0.05 -24.06 -9.05
N GLY C 109 0.69 -23.38 -8.17
CA GLY C 109 2.11 -23.12 -8.38
C GLY C 109 2.50 -21.78 -8.98
N ASP C 110 1.52 -21.02 -9.48
CA ASP C 110 1.81 -19.69 -10.05
C ASP C 110 2.19 -18.69 -8.95
N ARG C 111 3.17 -17.83 -9.21
CA ARG C 111 3.52 -16.76 -8.28
C ARG C 111 2.53 -15.61 -8.50
N ILE C 112 1.78 -15.26 -7.47
CA ILE C 112 0.65 -14.32 -7.63
C ILE C 112 0.72 -13.03 -6.81
N ALA C 113 1.70 -12.94 -5.91
CA ALA C 113 1.84 -11.77 -5.04
C ALA C 113 3.17 -11.83 -4.31
N GLN C 114 3.40 -10.85 -3.45
CA GLN C 114 4.58 -10.87 -2.58
C GLN C 114 4.23 -10.45 -1.17
N LEU C 115 4.98 -10.97 -0.20
CA LEU C 115 4.79 -10.61 1.21
C LEU C 115 5.95 -9.75 1.71
N ILE C 116 5.62 -8.57 2.22
CA ILE C 116 6.63 -7.65 2.75
C ILE C 116 6.48 -7.52 4.27
N CYS C 117 7.59 -7.61 5.00
CA CYS C 117 7.57 -7.40 6.45
C CYS C 117 7.75 -5.91 6.77
N GLU C 118 6.63 -5.22 6.88
CA GLU C 118 6.62 -3.77 7.13
C GLU C 118 6.77 -3.46 8.62
N ARG C 119 7.77 -2.66 8.98
CA ARG C 119 7.98 -2.25 10.37
C ARG C 119 6.95 -1.18 10.77
N ILE C 120 6.29 -1.41 11.91
CA ILE C 120 5.23 -0.53 12.39
C ILE C 120 5.38 -0.25 13.89
N PHE C 121 4.70 0.80 14.36
CA PHE C 121 4.52 1.04 15.77
C PHE C 121 3.17 0.46 16.19
N TYR C 122 3.04 0.13 17.48
CA TYR C 122 1.78 -0.31 18.08
C TYR C 122 1.41 0.67 19.21
N PRO C 123 1.08 1.90 18.85
CA PRO C 123 0.94 2.96 19.86
C PRO C 123 -0.31 2.82 20.71
N GLU C 124 -0.25 3.34 21.92
CA GLU C 124 -1.44 3.51 22.75
C GLU C 124 -2.22 4.72 22.23
N ILE C 125 -3.53 4.66 22.29
CA ILE C 125 -4.38 5.73 21.79
C ILE C 125 -4.82 6.62 22.96
N GLU C 126 -4.75 7.93 22.76
CA GLU C 126 -5.18 8.88 23.78
C GLU C 126 -6.09 9.97 23.19
N GLU C 127 -7.29 10.11 23.75
CA GLU C 127 -8.20 11.17 23.35
C GLU C 127 -7.82 12.48 24.02
N VAL C 128 -7.75 13.55 23.22
CA VAL C 128 -7.50 14.90 23.74
C VAL C 128 -8.62 15.84 23.27
N GLN C 129 -8.74 16.99 23.93
CA GLN C 129 -9.76 17.99 23.61
C GLN C 129 -9.60 18.56 22.20
N ALA C 130 -8.35 18.84 21.83
CA ALA C 130 -7.99 19.45 20.55
C ALA C 130 -6.50 19.26 20.30
N LEU C 131 -6.11 19.23 19.03
CA LEU C 131 -4.69 19.09 18.67
C LEU C 131 -4.09 20.44 18.31
N ASP C 132 -2.76 20.53 18.26
CA ASP C 132 -2.12 21.78 17.86
C ASP C 132 -1.87 21.88 16.35
N ASP C 133 -1.90 23.11 15.86
CA ASP C 133 -1.75 23.39 14.43
C ASP C 133 -0.32 23.17 13.94
N THR C 134 -0.20 22.75 12.68
CA THR C 134 1.09 22.64 11.98
C THR C 134 1.07 23.61 10.79
N GLU C 135 2.16 23.67 10.03
CA GLU C 135 2.19 24.49 8.82
C GLU C 135 1.30 23.93 7.71
N ARG C 136 1.22 22.60 7.60
CA ARG C 136 0.29 21.94 6.67
C ARG C 136 -1.16 22.23 7.06
N GLY C 137 -1.47 22.06 8.34
CA GLY C 137 -2.80 22.32 8.87
C GLY C 137 -3.83 21.31 8.40
N SER C 138 -4.99 21.83 7.99
CA SER C 138 -6.10 21.00 7.51
C SER C 138 -6.11 20.83 5.99
N GLY C 139 -5.05 21.30 5.33
CA GLY C 139 -4.93 21.25 3.88
C GLY C 139 -4.75 19.84 3.35
N GLY C 140 -5.75 19.36 2.61
CA GLY C 140 -5.73 18.03 2.03
C GLY C 140 -6.43 17.90 0.69
N PHE C 141 -6.29 16.73 0.08
CA PHE C 141 -6.95 16.38 -1.19
C PHE C 141 -6.64 17.35 -2.34
N GLY C 142 -5.35 17.61 -2.56
CA GLY C 142 -4.89 18.48 -3.63
C GLY C 142 -5.02 19.94 -3.30
#